data_7R4N
#
_entry.id   7R4N
#
_cell.length_a   97.000
_cell.length_b   97.000
_cell.length_c   80.640
_cell.angle_alpha   90.000
_cell.angle_beta   90.000
_cell.angle_gamma   90.000
#
_symmetry.space_group_name_H-M   'I 4'
#
loop_
_entity.id
_entity.type
_entity.pdbx_description
1 polymer 'Hydroxyacid oxidase 1'
2 non-polymer 1,2-ETHANEDIOL
3 non-polymer 5-bromanyl-N-methyl-1H-indazole-3-carboxamide
4 non-polymer 'FLAVIN MONONUCLEOTIDE'
5 water water
#
_entity_poly.entity_id   1
_entity_poly.type   'polypeptide(L)'
_entity_poly.pdbx_seq_one_letter_code
;MLPRLICINDYEQHAKSVLPKSIYDYYRSGANDEETLADNIAAFSRWKLYPRMLRNVAETDLSTSVLGQRVSMPICVGAT
AMQRMAHVDGELATVRACQSLGTGMMLSSWATSSIEEVAEAGPEALRWLQLYIYKDREVTKKLVRQAEKMGYKAIFVTVD
TPYLGNRLDDVRNRFKLPPQLRMKNFETSTLSFSPEENFGDDSGLAAYVAKAIDPSISWEDIKWLRRLTSLPIVAKGILR
GDDAREAVKHGLNGILVSNHGARQLDGVPATIDVLPEIVEAVEGKVEVFLDGGVRKGTDVLKALALGAKAVFVGRPIVWG
LAFQGEKGVQDVLEILKEEFRLAMALSGCQNVKVIDKTLVRK
;
_entity_poly.pdbx_strand_id   A
#
loop_
_chem_comp.id
_chem_comp.type
_chem_comp.name
_chem_comp.formula
7RI non-polymer 5-bromanyl-N-methyl-1H-indazole-3-carboxamide 'C9 H8 Br N3 O'
EDO non-polymer 1,2-ETHANEDIOL 'C2 H6 O2'
FMN non-polymer 'FLAVIN MONONUCLEOTIDE' 'C17 H21 N4 O9 P'
#
# COMPACT_ATOMS: atom_id res chain seq x y z
N LEU A 2 -12.35 13.95 -24.50
CA LEU A 2 -11.14 14.40 -23.72
C LEU A 2 -11.28 13.94 -22.27
N PRO A 3 -10.32 13.16 -21.69
CA PRO A 3 -10.43 12.75 -20.30
C PRO A 3 -10.52 13.97 -19.37
N ARG A 4 -11.50 13.88 -18.48
CA ARG A 4 -11.80 14.79 -17.36
C ARG A 4 -12.00 13.93 -16.09
N LEU A 5 -10.92 13.65 -15.40
CA LEU A 5 -10.86 12.64 -14.33
C LEU A 5 -10.77 13.43 -13.04
N ILE A 6 -11.83 13.42 -12.24
CA ILE A 6 -11.88 14.36 -11.10
C ILE A 6 -11.97 13.59 -9.76
N CYS A 7 -11.97 12.26 -9.79
CA CYS A 7 -12.02 11.42 -8.57
C CYS A 7 -11.34 10.09 -8.90
N ILE A 8 -10.97 9.33 -7.87
CA ILE A 8 -10.21 8.07 -8.10
C ILE A 8 -10.97 7.16 -9.05
N ASN A 9 -12.29 7.03 -8.87
CA ASN A 9 -13.07 6.07 -9.69
C ASN A 9 -12.92 6.39 -11.17
N ASP A 10 -12.80 7.68 -11.50
CA ASP A 10 -12.68 8.07 -12.93
C ASP A 10 -11.37 7.50 -13.47
N TYR A 11 -10.33 7.51 -12.64
CA TYR A 11 -9.03 6.98 -13.09
C TYR A 11 -9.16 5.49 -13.36
N GLU A 12 -9.88 4.77 -12.51
CA GLU A 12 -10.04 3.33 -12.77
C GLU A 12 -10.78 3.16 -14.12
N GLN A 13 -11.85 3.91 -14.31
CA GLN A 13 -12.69 3.74 -15.53
C GLN A 13 -11.80 4.00 -16.75
N HIS A 14 -10.99 5.04 -16.70
CA HIS A 14 -10.09 5.38 -17.82
C HIS A 14 -9.08 4.25 -18.01
N ALA A 15 -8.48 3.71 -16.92
CA ALA A 15 -7.54 2.59 -17.03
C ALA A 15 -8.17 1.38 -17.74
N LYS A 16 -9.42 1.03 -17.41
CA LYS A 16 -10.10 -0.12 -18.04
C LYS A 16 -10.19 0.14 -19.54
N SER A 17 -10.37 1.39 -19.92
CA SER A 17 -10.61 1.76 -21.34
CA SER A 17 -10.61 1.76 -21.34
C SER A 17 -9.31 1.67 -22.14
N VAL A 18 -8.15 1.87 -21.50
CA VAL A 18 -6.85 1.92 -22.22
C VAL A 18 -5.97 0.68 -21.99
N LEU A 19 -6.09 -0.05 -20.87
CA LEU A 19 -5.16 -1.18 -20.62
C LEU A 19 -5.60 -2.44 -21.36
N PRO A 20 -4.67 -3.32 -21.76
CA PRO A 20 -5.08 -4.67 -22.19
C PRO A 20 -5.88 -5.34 -21.06
N LYS A 21 -6.92 -6.06 -21.44
CA LYS A 21 -7.85 -6.71 -20.48
C LYS A 21 -7.06 -7.50 -19.43
N SER A 22 -6.08 -8.33 -19.83
CA SER A 22 -5.37 -9.19 -18.85
C SER A 22 -4.67 -8.34 -17.79
N ILE A 23 -4.13 -7.19 -18.19
CA ILE A 23 -3.39 -6.32 -17.25
C ILE A 23 -4.41 -5.63 -16.37
N TYR A 24 -5.47 -5.06 -16.93
CA TYR A 24 -6.50 -4.41 -16.09
C TYR A 24 -7.05 -5.44 -15.10
N ASP A 25 -7.38 -6.64 -15.57
CA ASP A 25 -7.90 -7.75 -14.70
C ASP A 25 -6.90 -8.07 -13.60
N TYR A 26 -5.62 -8.18 -13.92
CA TYR A 26 -4.59 -8.46 -12.90
C TYR A 26 -4.67 -7.39 -11.80
N TYR A 27 -4.75 -6.14 -12.20
CA TYR A 27 -4.71 -5.01 -11.24
C TYR A 27 -6.02 -4.97 -10.43
N ARG A 28 -7.15 -5.18 -11.06
CA ARG A 28 -8.49 -4.97 -10.44
C ARG A 28 -8.79 -6.13 -9.47
N SER A 29 -8.31 -7.34 -9.75
CA SER A 29 -8.92 -8.56 -9.18
C SER A 29 -8.71 -8.61 -7.68
N GLY A 30 -9.65 -9.27 -7.04
CA GLY A 30 -9.46 -9.85 -5.70
C GLY A 30 -9.36 -11.36 -5.82
N ALA A 31 -9.29 -12.03 -4.68
CA ALA A 31 -9.23 -13.50 -4.62
C ALA A 31 -10.66 -14.07 -4.78
N ASN A 32 -10.74 -15.19 -5.50
CA ASN A 32 -11.93 -16.06 -5.51
C ASN A 32 -13.17 -15.22 -5.86
N ASP A 33 -14.24 -15.23 -5.07
CA ASP A 33 -15.49 -14.50 -5.41
C ASP A 33 -15.41 -13.01 -5.06
N GLU A 34 -14.28 -12.49 -4.61
CA GLU A 34 -14.08 -11.04 -4.41
C GLU A 34 -15.07 -10.48 -3.40
N GLU A 35 -15.39 -11.25 -2.35
CA GLU A 35 -16.24 -10.77 -1.23
CA GLU A 35 -16.24 -10.77 -1.23
C GLU A 35 -15.49 -9.67 -0.46
N THR A 36 -14.23 -9.92 -0.12
CA THR A 36 -13.47 -8.93 0.66
C THR A 36 -13.19 -7.70 -0.20
N LEU A 37 -13.02 -7.87 -1.50
CA LEU A 37 -12.73 -6.74 -2.39
C LEU A 37 -13.90 -5.75 -2.28
N ALA A 38 -15.14 -6.25 -2.33
CA ALA A 38 -16.33 -5.38 -2.29
C ALA A 38 -16.37 -4.76 -0.89
N ASP A 39 -16.09 -5.57 0.12
CA ASP A 39 -16.24 -5.16 1.53
C ASP A 39 -15.20 -4.09 1.91
N ASN A 40 -13.99 -4.13 1.37
CA ASN A 40 -12.98 -3.07 1.66
C ASN A 40 -13.57 -1.69 1.39
N ILE A 41 -14.37 -1.58 0.33
CA ILE A 41 -15.05 -0.32 -0.04
C ILE A 41 -16.33 -0.17 0.77
N ALA A 42 -17.18 -1.20 0.87
CA ALA A 42 -18.51 -1.03 1.49
C ALA A 42 -18.35 -0.67 2.97
N ALA A 43 -17.33 -1.25 3.59
CA ALA A 43 -17.08 -1.07 5.03
C ALA A 43 -16.88 0.41 5.31
N PHE A 44 -16.11 1.12 4.49
CA PHE A 44 -15.89 2.57 4.71
C PHE A 44 -17.25 3.28 4.74
N SER A 45 -18.20 2.88 3.90
CA SER A 45 -19.50 3.59 3.81
C SER A 45 -20.32 3.35 5.09
N ARG A 46 -20.13 2.21 5.78
CA ARG A 46 -20.85 1.94 7.03
C ARG A 46 -20.36 2.81 8.18
N TRP A 47 -19.11 3.25 8.16
CA TRP A 47 -18.60 4.16 9.20
C TRP A 47 -19.09 5.58 8.90
N LYS A 48 -19.92 6.11 9.77
CA LYS A 48 -20.52 7.43 9.54
C LYS A 48 -19.70 8.49 10.28
N LEU A 49 -19.69 9.68 9.72
CA LEU A 49 -18.94 10.84 10.26
C LEU A 49 -19.86 11.77 11.04
N TYR A 50 -19.38 12.21 12.18
CA TYR A 50 -20.06 13.13 13.11
C TYR A 50 -19.27 14.43 13.17
N PRO A 51 -19.40 15.32 12.17
CA PRO A 51 -18.57 16.50 12.05
C PRO A 51 -18.87 17.54 13.14
N ARG A 52 -17.80 18.18 13.63
CA ARG A 52 -17.95 19.37 14.50
C ARG A 52 -17.99 20.62 13.62
N MET A 53 -18.81 21.60 14.03
CA MET A 53 -18.90 22.86 13.27
C MET A 53 -18.22 24.00 14.03
N LEU A 54 -17.90 25.09 13.33
CA LEU A 54 -17.41 26.32 14.00
C LEU A 54 -16.11 26.07 14.76
N ARG A 55 -15.16 25.42 14.12
CA ARG A 55 -13.85 25.12 14.76
C ARG A 55 -12.70 25.95 14.16
N ASN A 56 -12.94 26.71 13.11
CA ASN A 56 -11.89 27.52 12.45
C ASN A 56 -10.99 26.59 11.64
N VAL A 57 -11.33 26.41 10.36
CA VAL A 57 -10.57 25.48 9.50
C VAL A 57 -9.98 26.24 8.30
N ALA A 58 -9.69 27.52 8.52
CA ALA A 58 -9.06 28.29 7.43
C ALA A 58 -7.66 27.79 7.15
N GLU A 59 -7.01 27.17 8.13
CA GLU A 59 -5.56 26.88 7.91
C GLU A 59 -5.22 25.39 7.95
N THR A 60 -5.89 24.54 7.22
CA THR A 60 -5.80 23.07 7.49
CA THR A 60 -5.83 23.06 7.44
C THR A 60 -4.39 22.57 7.20
N ASP A 61 -3.82 21.85 8.17
CA ASP A 61 -2.45 21.30 8.09
C ASP A 61 -2.62 19.78 7.97
N LEU A 62 -2.26 19.22 6.82
CA LEU A 62 -2.42 17.76 6.55
C LEU A 62 -1.17 17.01 7.00
N SER A 63 -0.12 17.70 7.37
CA SER A 63 1.20 17.04 7.59
C SER A 63 1.17 16.10 8.78
N THR A 64 2.00 15.05 8.73
CA THR A 64 2.13 14.11 9.85
C THR A 64 3.52 13.48 9.73
N SER A 65 3.72 12.38 10.39
CA SER A 65 4.98 11.65 10.28
C SER A 65 4.69 10.15 10.20
N VAL A 66 5.55 9.43 9.52
CA VAL A 66 5.46 7.95 9.41
C VAL A 66 6.79 7.46 9.94
N LEU A 67 6.79 6.78 11.06
CA LEU A 67 8.00 6.15 11.65
C LEU A 67 9.08 7.23 11.83
N GLY A 68 8.68 8.44 12.22
CA GLY A 68 9.54 9.60 12.52
C GLY A 68 9.91 10.46 11.34
N GLN A 69 9.55 10.12 10.11
CA GLN A 69 9.86 10.89 8.89
C GLN A 69 8.63 11.74 8.57
N ARG A 70 8.82 13.04 8.42
CA ARG A 70 7.71 13.95 8.09
C ARG A 70 7.18 13.61 6.68
N VAL A 71 5.86 13.66 6.54
CA VAL A 71 5.20 13.59 5.21
C VAL A 71 4.19 14.76 5.11
N SER A 72 3.80 15.09 3.89
CA SER A 72 2.88 16.22 3.60
C SER A 72 1.45 15.86 3.95
N MET A 73 1.14 14.56 4.06
CA MET A 73 -0.26 14.10 4.23
C MET A 73 -0.20 12.65 4.69
N PRO A 74 -1.23 12.16 5.39
CA PRO A 74 -1.23 10.79 5.91
C PRO A 74 -1.71 9.79 4.85
N ILE A 75 -1.17 9.95 3.66
CA ILE A 75 -1.60 9.23 2.41
C ILE A 75 -0.30 8.91 1.65
N CYS A 76 0.07 7.63 1.63
CA CYS A 76 1.37 7.16 1.10
C CYS A 76 1.10 6.11 0.05
N VAL A 77 2.09 5.88 -0.80
CA VAL A 77 1.97 4.91 -1.90
C VAL A 77 2.34 3.50 -1.42
N GLY A 78 1.40 2.55 -1.54
CA GLY A 78 1.66 1.15 -1.19
C GLY A 78 2.36 0.41 -2.31
N ALA A 79 3.00 -0.69 -1.98
CA ALA A 79 3.75 -1.56 -2.92
C ALA A 79 2.79 -2.24 -3.88
N THR A 80 3.02 -2.04 -5.17
CA THR A 80 2.23 -2.70 -6.24
C THR A 80 3.28 -3.20 -7.23
N ALA A 81 3.31 -4.51 -7.46
CA ALA A 81 4.33 -5.15 -8.30
C ALA A 81 4.25 -4.63 -9.76
N MET A 82 5.38 -4.59 -10.43
CA MET A 82 5.49 -4.67 -11.92
C MET A 82 4.90 -3.42 -12.60
N GLN A 83 5.16 -2.23 -12.03
CA GLN A 83 4.48 -0.97 -12.39
C GLN A 83 4.76 -0.60 -13.87
N ARG A 84 5.85 -1.10 -14.46
CA ARG A 84 6.08 -0.88 -15.93
C ARG A 84 5.03 -1.56 -16.82
N MET A 85 4.19 -2.49 -16.34
CA MET A 85 3.03 -2.94 -17.11
C MET A 85 2.04 -1.83 -17.37
N ALA A 86 1.92 -0.86 -16.44
CA ALA A 86 0.91 0.20 -16.49
C ALA A 86 1.42 1.38 -17.34
N HIS A 87 2.70 1.61 -17.27
CA HIS A 87 3.36 2.78 -17.92
C HIS A 87 4.84 2.50 -18.09
N VAL A 88 5.43 2.91 -19.21
N VAL A 88 5.42 2.93 -19.21
CA VAL A 88 6.85 2.58 -19.51
CA VAL A 88 6.85 2.67 -19.57
C VAL A 88 7.79 3.07 -18.39
C VAL A 88 7.78 3.10 -18.42
N ASP A 89 7.45 4.14 -17.66
CA ASP A 89 8.33 4.68 -16.59
C ASP A 89 8.10 4.00 -15.24
N GLY A 90 7.00 3.25 -15.10
CA GLY A 90 6.70 2.43 -13.90
C GLY A 90 7.11 3.11 -12.60
N GLU A 91 7.93 2.43 -11.80
CA GLU A 91 8.33 2.81 -10.42
C GLU A 91 9.04 4.18 -10.42
N LEU A 92 9.72 4.53 -11.51
CA LEU A 92 10.43 5.82 -11.55
C LEU A 92 9.40 6.96 -11.62
N ALA A 93 8.36 6.85 -12.44
CA ALA A 93 7.20 7.76 -12.49
C ALA A 93 6.63 7.89 -11.06
N THR A 94 6.43 6.76 -10.40
CA THR A 94 5.80 6.74 -9.05
C THR A 94 6.66 7.51 -8.07
N VAL A 95 7.96 7.26 -8.01
CA VAL A 95 8.77 7.86 -6.96
C VAL A 95 8.91 9.38 -7.23
N ARG A 96 8.95 9.78 -8.50
CA ARG A 96 9.05 11.22 -8.85
C ARG A 96 7.79 11.93 -8.36
N ALA A 97 6.62 11.32 -8.56
CA ALA A 97 5.33 11.87 -8.07
C ALA A 97 5.37 11.99 -6.56
N CYS A 98 5.85 10.98 -5.86
CA CYS A 98 5.93 11.01 -4.39
C CYS A 98 6.84 12.17 -3.93
N GLN A 99 8.00 12.32 -4.55
CA GLN A 99 8.93 13.41 -4.22
C GLN A 99 8.20 14.75 -4.38
N SER A 100 7.47 14.93 -5.47
CA SER A 100 6.72 16.19 -5.73
C SER A 100 5.70 16.46 -4.62
N LEU A 101 4.98 15.42 -4.20
CA LEU A 101 3.86 15.54 -3.23
C LEU A 101 4.43 15.69 -1.82
N GLY A 102 5.64 15.22 -1.57
CA GLY A 102 6.19 15.19 -0.22
C GLY A 102 5.60 14.04 0.60
N THR A 103 5.28 12.94 -0.05
CA THR A 103 4.85 11.72 0.69
C THR A 103 5.79 10.56 0.34
N GLY A 104 5.54 9.42 0.95
CA GLY A 104 6.43 8.27 0.86
C GLY A 104 5.97 7.24 -0.13
N MET A 105 6.92 6.51 -0.69
CA MET A 105 6.66 5.39 -1.60
C MET A 105 7.21 4.10 -0.98
N MET A 106 6.33 3.11 -0.82
CA MET A 106 6.67 1.71 -0.51
C MET A 106 6.95 0.99 -1.82
N LEU A 107 8.20 0.59 -2.03
CA LEU A 107 8.63 -0.07 -3.29
C LEU A 107 8.51 -1.59 -3.12
N SER A 108 7.82 -2.20 -4.06
CA SER A 108 7.61 -3.66 -4.16
C SER A 108 8.95 -4.35 -4.34
N SER A 109 9.45 -5.24 -3.45
CA SER A 109 10.74 -6.01 -3.61
C SER A 109 10.81 -6.65 -4.99
N TRP A 110 9.66 -6.92 -5.61
N TRP A 110 9.68 -6.71 -5.69
CA TRP A 110 9.71 -7.21 -7.07
CA TRP A 110 9.79 -7.26 -7.07
C TRP A 110 9.05 -6.10 -7.86
C TRP A 110 9.18 -6.26 -8.04
N ALA A 111 9.88 -5.13 -8.24
CA ALA A 111 9.41 -4.08 -9.12
C ALA A 111 10.03 -4.30 -10.49
N THR A 112 9.48 -3.62 -11.50
CA THR A 112 10.06 -3.67 -12.85
C THR A 112 11.17 -2.62 -12.89
N SER A 113 11.62 -2.17 -11.73
CA SER A 113 12.71 -1.17 -11.60
C SER A 113 13.55 -1.52 -10.36
N SER A 114 14.85 -1.19 -10.39
CA SER A 114 15.76 -1.62 -9.30
C SER A 114 15.76 -0.68 -8.09
N ILE A 115 16.02 -1.23 -6.90
CA ILE A 115 16.15 -0.43 -5.66
C ILE A 115 17.02 0.80 -5.94
N GLU A 116 18.16 0.60 -6.60
CA GLU A 116 19.04 1.73 -6.95
C GLU A 116 18.36 2.65 -7.97
N GLU A 117 17.73 2.14 -9.02
CA GLU A 117 17.10 2.96 -10.09
C GLU A 117 16.08 3.90 -9.42
N VAL A 118 15.31 3.36 -8.48
CA VAL A 118 14.23 4.15 -7.82
C VAL A 118 14.87 5.19 -6.89
N ALA A 119 15.94 4.89 -6.16
CA ALA A 119 16.60 5.87 -5.27
C ALA A 119 17.23 6.99 -6.14
N GLU A 120 17.75 6.63 -7.32
CA GLU A 120 18.35 7.57 -8.31
C GLU A 120 17.27 8.54 -8.84
N ALA A 121 16.10 8.03 -9.21
CA ALA A 121 14.97 8.81 -9.77
C ALA A 121 14.36 9.71 -8.68
N GLY A 122 14.40 9.27 -7.41
CA GLY A 122 13.72 9.93 -6.28
C GLY A 122 14.63 10.10 -5.07
N PRO A 123 15.77 10.79 -5.25
CA PRO A 123 16.76 10.91 -4.17
C PRO A 123 16.21 11.59 -2.92
N GLU A 124 15.35 12.60 -3.09
CA GLU A 124 14.77 13.39 -1.99
C GLU A 124 13.44 12.78 -1.56
N ALA A 125 12.94 11.75 -2.24
CA ALA A 125 11.68 11.11 -1.87
C ALA A 125 11.87 10.27 -0.61
N LEU A 126 10.88 10.27 0.28
CA LEU A 126 10.78 9.29 1.37
C LEU A 126 10.41 7.91 0.75
N ARG A 127 11.28 6.91 0.97
CA ARG A 127 11.21 5.62 0.29
C ARG A 127 11.38 4.49 1.30
N TRP A 128 10.53 3.47 1.18
CA TRP A 128 10.59 2.25 2.00
C TRP A 128 10.60 1.05 1.08
N LEU A 129 11.13 -0.04 1.57
CA LEU A 129 11.14 -1.28 0.77
C LEU A 129 10.10 -2.25 1.33
N GLN A 130 9.27 -2.75 0.48
CA GLN A 130 8.40 -3.92 0.81
C GLN A 130 9.18 -5.19 0.47
N LEU A 131 9.29 -6.05 1.45
CA LEU A 131 10.12 -7.29 1.43
C LEU A 131 9.19 -8.49 1.47
N TYR A 132 9.45 -9.45 0.60
CA TYR A 132 9.05 -10.85 0.82
C TYR A 132 10.26 -11.62 1.34
N ILE A 133 10.00 -12.61 2.19
CA ILE A 133 11.08 -13.54 2.64
C ILE A 133 11.16 -14.63 1.57
N TYR A 134 12.17 -14.53 0.72
N TYR A 134 12.15 -14.51 0.69
CA TYR A 134 12.41 -15.49 -0.37
CA TYR A 134 12.39 -15.49 -0.40
C TYR A 134 12.94 -16.78 0.27
C TYR A 134 13.00 -16.75 0.20
N LYS A 135 12.68 -17.91 -0.38
CA LYS A 135 13.33 -19.19 0.03
C LYS A 135 14.83 -18.95 0.03
N ASP A 136 15.30 -18.18 -0.94
CA ASP A 136 16.74 -17.77 -0.98
C ASP A 136 16.94 -16.63 0.02
N ARG A 137 17.49 -16.90 1.20
CA ARG A 137 17.75 -15.87 2.23
C ARG A 137 18.91 -14.98 1.81
N GLU A 138 19.79 -15.43 0.90
CA GLU A 138 20.90 -14.53 0.45
C GLU A 138 20.25 -13.41 -0.40
N VAL A 139 19.31 -13.75 -1.29
CA VAL A 139 18.49 -12.82 -2.14
C VAL A 139 17.85 -11.81 -1.17
N THR A 140 17.23 -12.34 -0.15
CA THR A 140 16.46 -11.53 0.82
C THR A 140 17.40 -10.54 1.53
N LYS A 141 18.53 -10.99 2.06
CA LYS A 141 19.53 -10.13 2.74
C LYS A 141 20.03 -9.04 1.78
N LYS A 142 20.31 -9.40 0.52
CA LYS A 142 20.84 -8.47 -0.52
C LYS A 142 19.86 -7.31 -0.66
N LEU A 143 18.56 -7.61 -0.74
CA LEU A 143 17.48 -6.60 -0.89
C LEU A 143 17.53 -5.65 0.31
N VAL A 144 17.57 -6.18 1.52
CA VAL A 144 17.64 -5.37 2.76
C VAL A 144 18.90 -4.51 2.71
N ARG A 145 20.05 -5.08 2.34
CA ARG A 145 21.30 -4.30 2.38
C ARG A 145 21.23 -3.19 1.36
N GLN A 146 20.74 -3.46 0.14
CA GLN A 146 20.56 -2.47 -0.95
C GLN A 146 19.67 -1.33 -0.42
N ALA A 147 18.60 -1.70 0.29
CA ALA A 147 17.62 -0.72 0.82
C ALA A 147 18.34 0.20 1.80
N GLU A 148 19.14 -0.37 2.70
CA GLU A 148 19.95 0.40 3.67
C GLU A 148 20.91 1.34 2.92
N LYS A 149 21.64 0.80 1.92
CA LYS A 149 22.73 1.57 1.25
C LYS A 149 22.08 2.72 0.44
N MET A 150 20.90 2.49 -0.15
CA MET A 150 20.27 3.45 -1.08
C MET A 150 19.28 4.40 -0.37
N GLY A 151 19.30 4.52 0.94
CA GLY A 151 18.61 5.58 1.70
C GLY A 151 17.12 5.28 1.91
N TYR A 152 16.71 4.01 1.83
CA TYR A 152 15.33 3.60 2.24
C TYR A 152 15.24 3.64 3.75
N LYS A 153 14.09 4.04 4.27
CA LYS A 153 13.89 4.38 5.69
C LYS A 153 13.16 3.31 6.47
N ALA A 154 12.65 2.25 5.85
CA ALA A 154 12.00 1.17 6.60
C ALA A 154 11.82 -0.04 5.70
N ILE A 155 11.55 -1.19 6.33
CA ILE A 155 11.22 -2.46 5.67
C ILE A 155 9.76 -2.75 6.03
N PHE A 156 8.93 -2.95 5.05
CA PHE A 156 7.57 -3.48 5.25
C PHE A 156 7.65 -4.95 4.89
N VAL A 157 7.64 -5.82 5.86
CA VAL A 157 7.70 -7.28 5.56
C VAL A 157 6.27 -7.81 5.40
N THR A 158 5.99 -8.35 4.23
CA THR A 158 4.65 -8.88 3.91
C THR A 158 4.54 -10.26 4.51
N VAL A 159 3.54 -10.45 5.37
CA VAL A 159 3.37 -11.72 6.13
C VAL A 159 2.12 -12.48 5.76
N ASP A 160 1.38 -12.06 4.73
CA ASP A 160 0.09 -12.72 4.42
C ASP A 160 0.15 -13.51 3.11
N THR A 161 1.35 -13.78 2.59
CA THR A 161 1.52 -14.37 1.23
C THR A 161 2.50 -15.55 1.32
N PRO A 162 2.24 -16.62 2.10
CA PRO A 162 3.06 -17.84 2.06
C PRO A 162 2.93 -18.45 0.67
N TYR A 163 1.74 -18.30 0.08
CA TYR A 163 1.36 -18.63 -1.30
C TYR A 163 0.57 -17.46 -1.85
N LEU A 164 0.52 -17.32 -3.17
CA LEU A 164 -0.36 -16.31 -3.79
C LEU A 164 -1.83 -16.76 -3.65
N GLY A 165 -2.71 -15.77 -3.47
CA GLY A 165 -4.15 -15.97 -3.56
C GLY A 165 -4.53 -16.40 -4.96
N ASN A 166 -5.73 -16.96 -5.05
CA ASN A 166 -6.32 -17.49 -6.31
C ASN A 166 -7.20 -16.39 -6.91
N ARG A 167 -6.63 -15.66 -7.87
CA ARG A 167 -7.39 -14.60 -8.59
C ARG A 167 -7.92 -15.25 -9.88
N LEU A 168 -9.23 -15.42 -9.96
CA LEU A 168 -9.81 -16.23 -11.05
C LEU A 168 -9.48 -15.65 -12.44
N ASP A 169 -9.59 -14.34 -12.60
CA ASP A 169 -9.32 -13.77 -13.94
C ASP A 169 -7.89 -14.11 -14.37
N ASP A 170 -6.95 -14.05 -13.43
CA ASP A 170 -5.53 -14.28 -13.82
C ASP A 170 -5.39 -15.73 -14.28
N VAL A 171 -6.12 -16.63 -13.60
CA VAL A 171 -6.08 -18.06 -14.01
C VAL A 171 -6.71 -18.18 -15.41
N ARG A 172 -7.84 -17.52 -15.63
CA ARG A 172 -8.53 -17.61 -16.94
C ARG A 172 -7.67 -16.99 -18.03
N ASN A 173 -7.04 -15.87 -17.74
CA ASN A 173 -6.22 -15.16 -18.74
C ASN A 173 -4.82 -15.78 -18.80
N ARG A 174 -4.53 -16.73 -17.92
CA ARG A 174 -3.17 -17.35 -17.91
C ARG A 174 -2.16 -16.21 -17.80
N PHE A 175 -2.36 -15.34 -16.82
CA PHE A 175 -1.49 -14.15 -16.67
CA PHE A 175 -1.48 -14.15 -16.71
C PHE A 175 0.05 -14.32 -16.54
N LYS A 176 0.74 -13.41 -17.21
CA LYS A 176 2.23 -13.42 -17.14
C LYS A 176 2.64 -11.99 -17.47
N LEU A 177 3.88 -11.63 -17.15
CA LEU A 177 4.37 -10.27 -17.49
C LEU A 177 4.48 -10.10 -19.00
N PRO A 178 4.25 -8.89 -19.54
CA PRO A 178 4.52 -8.65 -20.94
C PRO A 178 5.97 -9.08 -21.17
N PRO A 179 6.31 -9.52 -22.39
CA PRO A 179 7.62 -10.09 -22.67
C PRO A 179 8.87 -9.25 -22.34
N GLN A 180 8.83 -7.96 -22.61
CA GLN A 180 10.06 -7.13 -22.45
C GLN A 180 10.31 -6.80 -20.99
N LEU A 181 9.37 -7.14 -20.11
CA LEU A 181 9.53 -6.66 -18.71
C LEU A 181 10.20 -7.73 -17.88
N ARG A 182 10.66 -7.33 -16.71
CA ARG A 182 11.30 -8.29 -15.80
C ARG A 182 11.24 -7.77 -14.36
N MET A 183 11.12 -8.66 -13.38
CA MET A 183 11.28 -8.21 -11.98
C MET A 183 12.77 -7.87 -11.94
N LYS A 184 13.11 -6.60 -11.73
CA LYS A 184 14.53 -6.16 -11.89
C LYS A 184 15.37 -6.09 -10.60
N ASN A 185 15.09 -6.90 -9.57
CA ASN A 185 16.03 -6.89 -8.42
C ASN A 185 16.74 -8.25 -8.25
N PHE A 186 16.53 -9.17 -9.18
CA PHE A 186 17.08 -10.53 -9.01
C PHE A 186 18.02 -10.88 -10.17
N SER A 189 16.15 -14.58 -13.48
CA SER A 189 15.75 -15.44 -14.62
C SER A 189 14.38 -16.00 -14.30
N THR A 190 14.35 -17.06 -13.52
CA THR A 190 13.05 -17.56 -12.99
C THR A 190 12.70 -16.63 -11.83
N LEU A 191 13.71 -16.14 -11.12
CA LEU A 191 13.47 -15.17 -10.01
C LEU A 191 13.07 -13.79 -10.58
N SER A 192 13.36 -13.52 -11.86
CA SER A 192 12.96 -12.26 -12.53
C SER A 192 11.55 -12.36 -13.13
N PHE A 193 10.88 -13.49 -12.95
CA PHE A 193 9.53 -13.69 -13.53
C PHE A 193 9.62 -13.54 -15.06
N SER A 194 10.73 -14.03 -15.63
CA SER A 194 10.93 -13.93 -17.10
C SER A 194 9.72 -14.49 -17.83
N ASP A 202 -1.72 -22.03 -15.51
CA ASP A 202 -2.66 -21.18 -14.73
C ASP A 202 -2.07 -19.77 -14.57
N SER A 203 -2.25 -19.12 -13.40
CA SER A 203 -1.58 -17.81 -13.22
C SER A 203 -0.06 -18.04 -13.16
N GLY A 204 0.70 -17.37 -14.01
CA GLY A 204 2.17 -17.48 -13.94
C GLY A 204 2.66 -16.92 -12.61
N LEU A 205 1.90 -15.98 -12.06
CA LEU A 205 2.37 -15.34 -10.82
C LEU A 205 2.22 -16.35 -9.70
N ALA A 206 1.11 -17.09 -9.67
CA ALA A 206 0.94 -18.02 -8.53
C ALA A 206 2.11 -19.00 -8.54
N ALA A 207 2.38 -19.59 -9.70
CA ALA A 207 3.49 -20.56 -9.83
C ALA A 207 4.85 -19.88 -9.55
N TYR A 208 5.04 -18.63 -9.98
CA TYR A 208 6.30 -17.93 -9.63
C TYR A 208 6.49 -17.90 -8.11
N VAL A 209 5.43 -17.48 -7.41
CA VAL A 209 5.50 -17.40 -5.93
C VAL A 209 5.76 -18.78 -5.36
N ALA A 210 5.09 -19.79 -5.90
CA ALA A 210 5.25 -21.14 -5.34
C ALA A 210 6.74 -21.52 -5.46
N LYS A 211 7.44 -20.90 -6.40
CA LYS A 211 8.87 -21.25 -6.63
C LYS A 211 9.83 -20.36 -5.84
N ALA A 212 9.50 -19.09 -5.64
CA ALA A 212 10.43 -18.12 -5.05
C ALA A 212 10.13 -17.75 -3.58
N ILE A 213 8.86 -17.62 -3.24
CA ILE A 213 8.46 -17.16 -1.88
C ILE A 213 8.39 -18.36 -0.93
N ASP A 214 8.88 -18.18 0.29
CA ASP A 214 8.94 -19.29 1.26
C ASP A 214 7.62 -19.42 2.04
N PRO A 215 6.91 -20.55 1.88
CA PRO A 215 5.67 -20.79 2.64
C PRO A 215 5.94 -21.22 4.08
N SER A 216 7.19 -21.49 4.42
CA SER A 216 7.54 -21.97 5.77
C SER A 216 7.77 -20.81 6.73
N ILE A 217 7.65 -19.59 6.25
CA ILE A 217 8.05 -18.46 7.14
C ILE A 217 7.24 -18.47 8.44
N SER A 218 7.94 -18.22 9.53
CA SER A 218 7.33 -18.23 10.86
C SER A 218 7.83 -17.02 11.62
N TRP A 219 7.43 -16.92 12.87
CA TRP A 219 7.93 -15.81 13.71
C TRP A 219 9.45 -15.92 13.86
N GLU A 220 9.99 -17.12 13.74
CA GLU A 220 11.46 -17.30 13.82
C GLU A 220 12.15 -16.49 12.72
N ASP A 221 11.56 -16.44 11.53
CA ASP A 221 12.13 -15.66 10.41
C ASP A 221 11.99 -14.16 10.68
N ILE A 222 10.98 -13.77 11.44
CA ILE A 222 10.84 -12.34 11.83
C ILE A 222 12.02 -12.01 12.76
N LYS A 223 12.32 -12.92 13.69
CA LYS A 223 13.50 -12.72 14.58
C LYS A 223 14.76 -12.54 13.72
N TRP A 224 14.92 -13.37 12.70
CA TRP A 224 16.10 -13.29 11.81
C TRP A 224 16.15 -11.91 11.18
N LEU A 225 15.00 -11.44 10.67
CA LEU A 225 14.97 -10.14 9.98
C LEU A 225 15.26 -9.00 10.97
N ARG A 226 14.74 -9.13 12.18
CA ARG A 226 14.93 -8.07 13.20
C ARG A 226 16.42 -7.98 13.56
N ARG A 227 17.11 -9.11 13.45
CA ARG A 227 18.57 -9.16 13.76
C ARG A 227 19.36 -8.68 12.54
N LEU A 228 18.80 -8.85 11.35
CA LEU A 228 19.52 -8.51 10.11
C LEU A 228 19.65 -7.01 9.93
N THR A 229 18.62 -6.27 10.33
CA THR A 229 18.62 -4.80 10.06
C THR A 229 18.19 -3.97 11.27
N SER A 230 18.77 -2.77 11.39
CA SER A 230 18.34 -1.82 12.44
C SER A 230 17.24 -0.89 11.88
N LEU A 231 16.96 -1.01 10.58
CA LEU A 231 15.90 -0.19 9.95
C LEU A 231 14.58 -0.50 10.64
N PRO A 232 13.66 0.48 10.67
CA PRO A 232 12.35 0.21 11.21
C PRO A 232 11.69 -0.89 10.37
N ILE A 233 11.06 -1.83 11.07
CA ILE A 233 10.31 -2.92 10.37
CA ILE A 233 10.31 -2.92 10.37
C ILE A 233 8.79 -2.87 10.70
N VAL A 234 8.01 -2.90 9.62
CA VAL A 234 6.53 -2.92 9.78
C VAL A 234 6.00 -4.26 9.26
N ALA A 235 5.14 -4.90 10.05
CA ALA A 235 4.49 -6.14 9.60
C ALA A 235 3.27 -5.78 8.74
N LYS A 236 3.30 -6.20 7.47
CA LYS A 236 2.21 -5.86 6.53
C LYS A 236 1.36 -7.10 6.27
N GLY A 237 0.06 -7.02 6.59
CA GLY A 237 -0.85 -8.14 6.34
C GLY A 237 -1.48 -8.69 7.60
N ILE A 238 -1.23 -8.02 8.73
CA ILE A 238 -1.83 -8.46 10.02
C ILE A 238 -3.33 -8.13 10.05
N LEU A 239 -4.14 -9.06 10.53
CA LEU A 239 -5.61 -8.87 10.61
C LEU A 239 -6.14 -9.28 11.99
N ARG A 240 -5.27 -9.82 12.85
CA ARG A 240 -5.67 -10.26 14.20
C ARG A 240 -4.89 -9.50 15.28
N GLY A 241 -5.56 -9.18 16.37
CA GLY A 241 -4.89 -8.50 17.48
C GLY A 241 -3.77 -9.33 18.11
N ASP A 242 -4.00 -10.65 18.21
CA ASP A 242 -2.96 -11.52 18.84
C ASP A 242 -1.69 -11.47 17.99
N ASP A 243 -1.81 -11.54 16.66
CA ASP A 243 -0.62 -11.43 15.78
C ASP A 243 0.03 -10.04 15.91
N ALA A 244 -0.80 -9.00 16.03
CA ALA A 244 -0.25 -7.64 16.21
C ALA A 244 0.58 -7.59 17.50
N ARG A 245 0.05 -8.18 18.57
CA ARG A 245 0.78 -8.18 19.86
C ARG A 245 2.08 -8.99 19.70
N GLU A 246 2.04 -10.06 18.91
CA GLU A 246 3.25 -10.87 18.67
C GLU A 246 4.29 -10.02 17.90
N ALA A 247 3.82 -9.24 16.95
CA ALA A 247 4.75 -8.42 16.15
C ALA A 247 5.47 -7.43 17.06
N VAL A 248 4.73 -6.84 17.98
CA VAL A 248 5.34 -5.88 18.94
C VAL A 248 6.37 -6.63 19.81
N LYS A 249 6.02 -7.83 20.25
CA LYS A 249 6.92 -8.61 21.13
C LYS A 249 8.21 -8.98 20.38
N HIS A 250 8.15 -9.09 19.07
CA HIS A 250 9.34 -9.39 18.23
C HIS A 250 10.15 -8.13 17.91
N GLY A 251 9.77 -6.99 18.47
CA GLY A 251 10.56 -5.75 18.31
C GLY A 251 10.27 -5.03 17.00
N LEU A 252 9.15 -5.36 16.37
CA LEU A 252 8.79 -4.66 15.13
C LEU A 252 8.31 -3.25 15.48
N ASN A 253 8.31 -2.35 14.49
CA ASN A 253 8.05 -0.92 14.77
C ASN A 253 6.74 -0.39 14.17
N GLY A 254 5.92 -1.30 13.64
CA GLY A 254 4.64 -0.85 13.08
C GLY A 254 3.80 -2.00 12.59
N ILE A 255 2.50 -1.76 12.45
CA ILE A 255 1.59 -2.78 11.89
C ILE A 255 0.85 -2.13 10.71
N LEU A 256 0.93 -2.74 9.53
CA LEU A 256 0.12 -2.29 8.38
C LEU A 256 -1.08 -3.25 8.28
N VAL A 257 -2.21 -2.80 8.81
CA VAL A 257 -3.46 -3.58 8.73
C VAL A 257 -3.80 -3.69 7.25
N SER A 258 -3.69 -4.91 6.74
CA SER A 258 -3.87 -5.12 5.29
C SER A 258 -4.42 -6.51 5.00
N ASN A 259 -5.29 -6.60 3.99
CA ASN A 259 -5.76 -7.92 3.50
C ASN A 259 -5.20 -8.07 2.06
N HIS A 260 -4.10 -7.36 1.79
CA HIS A 260 -3.41 -7.49 0.47
C HIS A 260 -4.36 -7.05 -0.65
N GLY A 261 -5.13 -6.00 -0.39
CA GLY A 261 -6.05 -5.51 -1.43
C GLY A 261 -7.09 -6.59 -1.73
N ALA A 262 -7.36 -7.43 -0.74
CA ALA A 262 -8.37 -8.50 -0.89
C ALA A 262 -7.93 -9.51 -1.96
N ARG A 263 -6.62 -9.71 -2.10
CA ARG A 263 -6.09 -10.57 -3.19
C ARG A 263 -5.56 -11.90 -2.66
N GLN A 264 -5.60 -12.08 -1.34
CA GLN A 264 -5.05 -13.31 -0.77
C GLN A 264 -6.19 -14.23 -0.31
N LEU A 265 -6.50 -14.20 0.98
CA LEU A 265 -7.63 -15.01 1.51
C LEU A 265 -8.93 -14.21 1.35
N ASP A 266 -9.87 -14.79 0.61
CA ASP A 266 -11.17 -14.11 0.49
C ASP A 266 -12.06 -14.45 1.68
N GLY A 267 -12.83 -13.46 2.10
CA GLY A 267 -13.78 -13.64 3.21
C GLY A 267 -13.20 -13.17 4.52
N VAL A 268 -12.03 -12.56 4.49
CA VAL A 268 -11.50 -11.84 5.68
C VAL A 268 -12.27 -10.53 5.75
N PRO A 269 -12.30 -9.90 6.93
CA PRO A 269 -13.00 -8.62 7.07
C PRO A 269 -12.26 -7.52 6.29
N ALA A 270 -13.01 -6.47 6.04
CA ALA A 270 -12.47 -5.19 5.55
C ALA A 270 -11.43 -4.68 6.53
N THR A 271 -10.38 -4.04 6.03
CA THR A 271 -9.32 -3.47 6.90
C THR A 271 -9.87 -2.40 7.82
N ILE A 272 -10.81 -1.56 7.38
CA ILE A 272 -11.31 -0.49 8.27
C ILE A 272 -12.05 -1.15 9.44
N ASP A 273 -12.62 -2.35 9.25
CA ASP A 273 -13.38 -3.01 10.34
C ASP A 273 -12.43 -3.64 11.35
N VAL A 274 -11.28 -4.16 10.92
CA VAL A 274 -10.34 -4.78 11.91
C VAL A 274 -9.41 -3.75 12.52
N LEU A 275 -9.25 -2.57 11.93
CA LEU A 275 -8.33 -1.54 12.42
C LEU A 275 -8.53 -1.30 13.93
N PRO A 276 -9.74 -1.05 14.45
CA PRO A 276 -9.86 -0.71 15.87
C PRO A 276 -9.36 -1.80 16.81
N GLU A 277 -9.60 -3.08 16.49
CA GLU A 277 -9.09 -4.22 17.29
C GLU A 277 -7.57 -4.16 17.32
N ILE A 278 -6.92 -3.87 16.19
CA ILE A 278 -5.43 -3.83 16.11
C ILE A 278 -4.91 -2.63 16.88
N VAL A 279 -5.52 -1.46 16.69
CA VAL A 279 -5.08 -0.27 17.44
C VAL A 279 -5.20 -0.56 18.94
N GLU A 280 -6.26 -1.17 19.36
CA GLU A 280 -6.45 -1.51 20.81
C GLU A 280 -5.35 -2.48 21.25
N ALA A 281 -5.09 -3.53 20.47
CA ALA A 281 -4.12 -4.58 20.83
C ALA A 281 -2.71 -4.02 21.04
N VAL A 282 -2.26 -3.02 20.28
CA VAL A 282 -0.82 -2.61 20.33
C VAL A 282 -0.62 -1.57 21.44
N GLU A 283 -1.70 -1.07 22.02
CA GLU A 283 -1.61 -0.20 23.24
C GLU A 283 -0.66 0.97 23.00
N GLY A 284 -0.63 1.55 21.78
CA GLY A 284 0.22 2.73 21.52
C GLY A 284 1.70 2.43 21.42
N LYS A 285 2.13 1.14 21.39
CA LYS A 285 3.57 0.82 21.36
C LYS A 285 4.17 1.07 19.99
N VAL A 286 3.37 0.89 18.93
CA VAL A 286 3.86 1.11 17.55
C VAL A 286 2.74 1.79 16.76
N GLU A 287 3.14 2.43 15.68
CA GLU A 287 2.20 3.04 14.71
C GLU A 287 1.45 1.91 14.02
N VAL A 288 0.17 2.18 13.78
CA VAL A 288 -0.68 1.29 12.97
C VAL A 288 -1.10 2.03 11.72
N PHE A 289 -0.98 1.36 10.59
CA PHE A 289 -1.32 1.92 9.26
C PHE A 289 -2.43 1.08 8.66
N LEU A 290 -3.06 1.57 7.60
CA LEU A 290 -4.14 0.79 6.95
C LEU A 290 -3.96 0.91 5.45
N ASP A 291 -4.25 -0.17 4.76
CA ASP A 291 -4.49 -0.12 3.29
C ASP A 291 -5.72 -0.98 3.01
N GLY A 292 -6.23 -0.89 1.79
CA GLY A 292 -7.38 -1.69 1.41
C GLY A 292 -8.59 -0.81 1.23
N GLY A 293 -8.93 -0.45 -0.02
CA GLY A 293 -10.19 0.25 -0.23
C GLY A 293 -10.12 1.76 -0.12
N VAL A 294 -8.97 2.37 0.11
CA VAL A 294 -8.89 3.84 0.23
C VAL A 294 -9.06 4.44 -1.17
N ARG A 295 -10.11 5.22 -1.36
CA ARG A 295 -10.41 5.81 -2.67
C ARG A 295 -10.78 7.29 -2.52
N LYS A 296 -11.09 7.73 -1.31
CA LYS A 296 -11.62 9.10 -1.05
C LYS A 296 -11.03 9.71 0.18
N GLY A 297 -11.05 11.04 0.23
CA GLY A 297 -10.57 11.76 1.43
C GLY A 297 -11.30 11.29 2.67
N THR A 298 -12.59 11.02 2.61
CA THR A 298 -13.32 10.58 3.82
C THR A 298 -12.82 9.23 4.28
N ASP A 299 -12.32 8.40 3.40
CA ASP A 299 -11.75 7.09 3.84
C ASP A 299 -10.53 7.34 4.72
N VAL A 300 -9.68 8.26 4.28
CA VAL A 300 -8.48 8.65 5.04
C VAL A 300 -8.91 9.17 6.41
N LEU A 301 -9.89 10.07 6.43
CA LEU A 301 -10.36 10.64 7.71
C LEU A 301 -10.87 9.55 8.64
N LYS A 302 -11.67 8.59 8.16
CA LYS A 302 -12.22 7.53 9.03
C LYS A 302 -11.08 6.68 9.54
N ALA A 303 -10.08 6.35 8.71
CA ALA A 303 -8.95 5.52 9.19
C ALA A 303 -8.16 6.25 10.27
N LEU A 304 -7.93 7.54 10.13
CA LEU A 304 -7.20 8.27 11.19
C LEU A 304 -8.09 8.40 12.45
N ALA A 305 -9.39 8.63 12.31
CA ALA A 305 -10.31 8.72 13.47
C ALA A 305 -10.25 7.43 14.27
N LEU A 306 -10.08 6.28 13.60
CA LEU A 306 -10.02 4.96 14.28
C LEU A 306 -8.59 4.60 14.70
N GLY A 307 -7.63 5.52 14.57
CA GLY A 307 -6.32 5.45 15.19
C GLY A 307 -5.19 5.02 14.28
N ALA A 308 -5.39 4.89 12.95
CA ALA A 308 -4.28 4.70 12.00
C ALA A 308 -3.47 5.99 11.94
N LYS A 309 -2.16 5.89 11.81
CA LYS A 309 -1.29 7.07 11.63
C LYS A 309 -1.39 7.60 10.20
N ALA A 310 -1.53 6.68 9.27
CA ALA A 310 -1.52 7.01 7.84
C ALA A 310 -2.14 5.84 7.10
N VAL A 311 -2.47 6.06 5.84
CA VAL A 311 -3.01 4.99 4.99
C VAL A 311 -2.14 4.86 3.77
N PHE A 312 -2.18 3.70 3.16
CA PHE A 312 -1.50 3.44 1.89
C PHE A 312 -2.54 3.18 0.82
N VAL A 313 -2.22 3.58 -0.41
CA VAL A 313 -3.09 3.33 -1.58
C VAL A 313 -2.33 2.45 -2.56
N GLY A 314 -2.99 1.42 -3.06
CA GLY A 314 -2.36 0.53 -4.04
C GLY A 314 -2.91 0.79 -5.42
N ARG A 315 -4.09 0.28 -5.71
CA ARG A 315 -4.64 0.35 -7.09
C ARG A 315 -4.71 1.78 -7.63
N PRO A 316 -5.17 2.80 -6.86
CA PRO A 316 -5.28 4.16 -7.38
C PRO A 316 -3.99 4.63 -8.06
N ILE A 317 -2.84 4.23 -7.53
CA ILE A 317 -1.50 4.62 -8.06
C ILE A 317 -1.32 4.00 -9.44
N VAL A 318 -1.66 2.72 -9.58
CA VAL A 318 -1.59 2.04 -10.89
C VAL A 318 -2.48 2.74 -11.90
N TRP A 319 -3.67 3.12 -11.48
CA TRP A 319 -4.58 3.82 -12.42
C TRP A 319 -3.97 5.17 -12.85
N GLY A 320 -3.35 5.87 -11.93
CA GLY A 320 -2.65 7.13 -12.28
C GLY A 320 -1.57 6.87 -13.31
N LEU A 321 -0.73 5.86 -13.08
CA LEU A 321 0.34 5.50 -14.04
C LEU A 321 -0.27 5.20 -15.42
N ALA A 322 -1.34 4.40 -15.45
CA ALA A 322 -1.99 4.02 -16.72
C ALA A 322 -2.47 5.25 -17.49
N PHE A 323 -2.95 6.26 -16.77
CA PHE A 323 -3.46 7.47 -17.45
C PHE A 323 -2.30 8.30 -17.99
N GLN A 324 -1.30 8.60 -17.16
CA GLN A 324 -0.23 9.52 -17.62
C GLN A 324 1.03 9.45 -16.78
N GLY A 325 1.46 8.24 -16.44
CA GLY A 325 2.73 8.08 -15.74
C GLY A 325 2.86 8.99 -14.54
N GLU A 326 3.99 9.67 -14.40
CA GLU A 326 4.28 10.51 -13.22
C GLU A 326 3.15 11.53 -13.00
N LYS A 327 2.75 12.20 -14.08
CA LYS A 327 1.68 13.22 -13.97
C LYS A 327 0.37 12.58 -13.47
N GLY A 328 0.05 11.37 -13.93
CA GLY A 328 -1.17 10.67 -13.52
C GLY A 328 -1.05 10.26 -12.05
N VAL A 329 0.10 9.76 -11.60
CA VAL A 329 0.29 9.47 -10.14
C VAL A 329 0.15 10.75 -9.33
N GLN A 330 0.81 11.83 -9.77
CA GLN A 330 0.72 13.13 -9.07
C GLN A 330 -0.75 13.53 -8.99
N ASP A 331 -1.50 13.43 -10.06
CA ASP A 331 -2.92 13.87 -10.09
C ASP A 331 -3.74 13.07 -9.06
N VAL A 332 -3.54 11.74 -9.05
CA VAL A 332 -4.26 10.84 -8.12
C VAL A 332 -3.94 11.27 -6.69
N LEU A 333 -2.68 11.47 -6.38
CA LEU A 333 -2.27 11.85 -5.01
C LEU A 333 -2.82 13.24 -4.64
N GLU A 334 -2.83 14.18 -5.60
CA GLU A 334 -3.37 15.54 -5.36
C GLU A 334 -4.89 15.47 -5.14
N ILE A 335 -5.60 14.60 -5.88
CA ILE A 335 -7.06 14.39 -5.70
C ILE A 335 -7.29 13.91 -4.26
N LEU A 336 -6.53 12.92 -3.83
CA LEU A 336 -6.72 12.37 -2.45
C LEU A 336 -6.36 13.43 -1.43
N LYS A 337 -5.30 14.17 -1.68
CA LYS A 337 -4.89 15.26 -0.75
C LYS A 337 -6.03 16.26 -0.60
N GLU A 338 -6.56 16.75 -1.71
CA GLU A 338 -7.61 17.79 -1.67
C GLU A 338 -8.93 17.24 -1.11
N GLU A 339 -9.33 16.02 -1.43
CA GLU A 339 -10.51 15.41 -0.77
C GLU A 339 -10.29 15.34 0.74
N PHE A 340 -9.10 14.95 1.15
CA PHE A 340 -8.78 14.77 2.58
C PHE A 340 -8.79 16.15 3.25
N ARG A 341 -8.21 17.17 2.62
CA ARG A 341 -8.27 18.55 3.15
CA ARG A 341 -8.28 18.55 3.15
C ARG A 341 -9.74 18.95 3.35
N LEU A 342 -10.57 18.71 2.36
CA LEU A 342 -11.97 19.18 2.45
C LEU A 342 -12.68 18.37 3.53
N ALA A 343 -12.41 17.07 3.65
CA ALA A 343 -13.10 16.25 4.67
C ALA A 343 -12.65 16.73 6.04
N MET A 344 -11.37 17.06 6.20
CA MET A 344 -10.91 17.57 7.53
C MET A 344 -11.66 18.88 7.82
N ALA A 345 -11.69 19.79 6.86
CA ALA A 345 -12.26 21.13 7.06
C ALA A 345 -13.75 20.97 7.42
N LEU A 346 -14.49 20.16 6.66
CA LEU A 346 -15.94 20.09 6.87
C LEU A 346 -16.24 19.37 8.18
N SER A 347 -15.30 18.57 8.70
CA SER A 347 -15.49 17.85 9.98
CA SER A 347 -15.42 17.82 9.97
C SER A 347 -14.94 18.64 11.16
N GLY A 348 -14.38 19.81 10.91
CA GLY A 348 -13.88 20.75 11.95
C GLY A 348 -12.48 20.47 12.42
N CYS A 349 -11.66 19.79 11.63
CA CYS A 349 -10.29 19.36 12.00
C CYS A 349 -9.25 20.28 11.33
N GLN A 350 -8.53 21.05 12.12
CA GLN A 350 -7.48 21.98 11.70
C GLN A 350 -6.20 21.24 11.34
N ASN A 351 -5.98 20.08 11.95
CA ASN A 351 -4.72 19.31 11.80
C ASN A 351 -4.99 17.84 12.15
N VAL A 352 -4.05 16.94 11.89
CA VAL A 352 -4.30 15.49 12.03
C VAL A 352 -4.34 15.13 13.51
N LYS A 353 -3.76 15.95 14.35
CA LYS A 353 -3.67 15.64 15.80
C LYS A 353 -5.01 15.79 16.50
N VAL A 354 -5.97 16.50 15.87
CA VAL A 354 -7.31 16.68 16.48
C VAL A 354 -8.36 15.79 15.79
N ILE A 355 -7.95 14.87 14.91
CA ILE A 355 -8.87 13.83 14.38
C ILE A 355 -9.05 12.78 15.47
N ASP A 356 -10.23 12.73 16.09
CA ASP A 356 -10.47 11.92 17.31
C ASP A 356 -11.53 10.85 17.00
N LYS A 357 -11.62 9.84 17.86
CA LYS A 357 -12.55 8.70 17.76
C LYS A 357 -14.00 9.19 17.75
N THR A 358 -14.37 10.36 18.28
CA THR A 358 -15.80 10.78 18.31
C THR A 358 -16.25 11.21 16.93
N LEU A 359 -15.32 11.36 16.00
CA LEU A 359 -15.74 11.72 14.62
C LEU A 359 -16.49 10.59 13.94
N VAL A 360 -16.38 9.33 14.42
CA VAL A 360 -16.95 8.19 13.68
C VAL A 360 -17.81 7.30 14.56
N ARG A 361 -18.79 6.68 13.94
CA ARG A 361 -19.67 5.68 14.59
C ARG A 361 -20.13 4.69 13.53
N LYS A 362 -20.07 3.39 13.80
CA LYS A 362 -20.54 2.41 12.77
C LYS A 362 -22.05 2.20 12.87
C1 EDO B . 4.82 4.67 18.35
O1 EDO B . 3.45 4.40 18.57
C2 EDO B . 5.46 5.60 19.34
O2 EDO B . 5.33 5.18 20.71
C10 7RI C . 2.72 -9.75 -6.66
C01 7RI C . -1.28 -8.86 -5.16
C03 7RI C . 0.32 -9.24 -6.47
C04 7RI C . 1.63 -9.43 -5.95
C07 7RI C . 3.75 -9.90 -5.72
C08 7RI C . 5.03 -10.22 -6.09
C09 7RI C . 5.20 -10.36 -7.42
C11 7RI C . 2.90 -9.89 -7.97
C12 7RI C . 4.13 -10.18 -8.29
N02 7RI C . -0.19 -9.09 -5.45
N05 7RI C . 1.92 -9.34 -4.61
N06 7RI C . 3.20 -9.64 -4.48
O14 7RI C . -0.22 -9.24 -7.50
BR 7RI C . 4.43 -10.29 -10.14
N1 FMN D . 1.69 -6.09 -1.72
C2 FMN D . 2.98 -6.41 -1.43
O2 FMN D . 3.35 -6.58 -0.29
N3 FMN D . 3.89 -6.53 -2.40
C4 FMN D . 3.55 -6.47 -3.73
O4 FMN D . 4.45 -6.55 -4.53
C4A FMN D . 2.22 -6.15 -4.09
N5 FMN D . 1.84 -6.06 -5.37
C5A FMN D . 0.55 -5.70 -5.62
C6 FMN D . 0.15 -5.52 -6.96
C7 FMN D . -1.11 -5.10 -7.27
C7M FMN D . -1.47 -4.89 -8.71
C8 FMN D . -2.04 -4.85 -6.24
C8M FMN D . -3.45 -4.38 -6.58
C9 FMN D . -1.68 -5.01 -4.93
C9A FMN D . -0.38 -5.43 -4.60
N10 FMN D . 0.04 -5.62 -3.28
C10 FMN D . 1.33 -5.96 -2.99
C1' FMN D . -0.86 -5.26 -2.18
C2' FMN D . -0.76 -3.78 -1.93
O2' FMN D . 0.50 -3.41 -1.27
C3' FMN D . -1.82 -3.24 -1.02
O3' FMN D . -1.88 -4.02 0.23
C4' FMN D . -3.19 -3.13 -1.64
O4' FMN D . -3.09 -2.74 -3.02
C5' FMN D . -4.02 -2.10 -0.94
O5' FMN D . -5.40 -2.05 -1.36
P FMN D . -5.97 -1.02 -2.53
O1P FMN D . -5.51 0.40 -2.30
O2P FMN D . -5.48 -1.54 -3.86
O3P FMN D . -7.41 -1.17 -2.34
#